data_9J7O
#
_entry.id   9J7O
#
_cell.length_a   1.00
_cell.length_b   1.00
_cell.length_c   1.00
_cell.angle_alpha   90.00
_cell.angle_beta   90.00
_cell.angle_gamma   90.00
#
_symmetry.space_group_name_H-M   'P 1'
#
loop_
_entity.id
_entity.type
_entity.pdbx_description
1 polymer 'Sodium- and chloride-dependent taurine transporter'
2 non-polymer HEXADECANE
3 non-polymer 'CHLORIDE ION'
4 non-polymer CHOLESTEROL
5 water water
#
_entity_poly.entity_id   1
_entity_poly.type   'polypeptide(L)'
_entity_poly.pdbx_seq_one_letter_code
;MATKEKLQCLKDFHKDILKPSPGKSPGTRPEDEAEGKPPQREKWSSKIDFVLSVAGGFVGLGNVWRFPYLCYKNGGGAFL
IPYFIFLFGSGLPVFFLEIIIGQYTSEGGITCWEKICPLFSGIGYASVVIVSLLNVYYIVILAWATYYLFQSFQKELPWA
HCNHSWNTPHCMEDTMRKNKSVWITISSTNFTSPVIEFWERNVLSLSPGIDHPGSLKWDLALCLLLVWLVCFFCIWKGVR
STGKVVYFTATFPFAMLLVLLVRGLTLPGAGAGIKFYLYPDITRLEDPQVWIDAGTQIFFSYAICLGAMTSLGSYNKYKY
NSYRDCMLLGCLNSGTSFVSGFAIFSILGFMAQEQGVDIADVAESGPGLAFIAYPKAVTMMPLPTFWSILFFIMLLLLGL
DSQFVEVEGQITSLVDLYPSFLRKGYRREIFIAFVCSISYLLGLTMVTEGGMYVFQLFDYYAASGVCLLWVAFFECFVIA
WIYGGDNLYDGIEDMIGYRPGPWMKYSWAVITPVLCVGCFIFSLVKYVPLTYNKTYVYPNWAIGLGWSLALSSMLCVPLV
IVIRLCQTEGPFLVRVKYLLTPREPNRWAVEREGATPYNSRTVMNGALVKPTHIIVETMM
;
_entity_poly.pdbx_strand_id   A
#
# COMPACT_ATOMS: atom_id res chain seq x y z
N PHE A 50 3.12 -14.30 -21.79
CA PHE A 50 3.29 -15.61 -21.10
C PHE A 50 2.44 -15.62 -19.81
N VAL A 51 2.70 -16.59 -18.94
CA VAL A 51 1.95 -16.68 -17.65
C VAL A 51 2.25 -15.43 -16.82
N LEU A 52 3.44 -14.84 -17.00
CA LEU A 52 3.81 -13.60 -16.28
C LEU A 52 2.82 -12.50 -16.69
N SER A 53 2.53 -12.42 -17.99
CA SER A 53 1.59 -11.38 -18.50
C SER A 53 0.23 -11.55 -17.85
N VAL A 54 -0.25 -12.80 -17.74
CA VAL A 54 -1.57 -13.06 -17.09
C VAL A 54 -1.43 -12.85 -15.58
N ALA A 55 -0.24 -13.09 -15.02
CA ALA A 55 -0.05 -12.98 -13.55
C ALA A 55 -0.15 -11.51 -13.12
N GLY A 56 0.67 -10.64 -13.73
CA GLY A 56 0.70 -9.21 -13.37
C GLY A 56 0.85 -9.00 -11.87
N GLY A 57 0.32 -7.90 -11.35
CA GLY A 57 0.36 -7.63 -9.89
C GLY A 57 1.76 -7.35 -9.41
N PHE A 58 2.76 -7.74 -10.20
CA PHE A 58 4.18 -7.50 -9.82
C PHE A 58 4.50 -6.01 -9.90
N VAL A 59 3.55 -5.20 -10.41
CA VAL A 59 3.74 -3.72 -10.44
C VAL A 59 2.52 -3.06 -9.79
N GLY A 60 2.73 -2.00 -9.02
CA GLY A 60 1.62 -1.27 -8.39
C GLY A 60 2.08 0.08 -7.89
N LEU A 61 1.17 0.90 -7.35
CA LEU A 61 1.57 2.20 -6.77
C LEU A 61 2.38 1.95 -5.50
N GLY A 62 2.21 0.79 -4.85
CA GLY A 62 3.04 0.51 -3.70
C GLY A 62 4.50 0.27 -4.05
N ASN A 63 4.79 -0.05 -5.30
CA ASN A 63 6.16 -0.25 -5.74
C ASN A 63 6.78 1.01 -6.34
N VAL A 64 5.97 1.91 -6.87
CA VAL A 64 6.46 3.06 -7.60
C VAL A 64 6.39 4.34 -6.78
N TRP A 65 5.37 4.49 -5.93
CA TRP A 65 5.16 5.71 -5.17
C TRP A 65 5.49 5.58 -3.70
N ARG A 66 5.26 4.41 -3.10
CA ARG A 66 5.39 4.28 -1.64
C ARG A 66 6.76 3.79 -1.20
N PHE A 67 7.33 2.80 -1.88
CA PHE A 67 8.64 2.30 -1.49
C PHE A 67 9.72 3.36 -1.54
N PRO A 68 9.89 4.14 -2.62
CA PRO A 68 10.97 5.14 -2.61
C PRO A 68 10.85 6.18 -1.52
N TYR A 69 9.64 6.64 -1.21
CA TYR A 69 9.50 7.70 -0.21
C TYR A 69 9.76 7.16 1.20
N LEU A 70 9.33 5.93 1.49
CA LEU A 70 9.63 5.33 2.77
C LEU A 70 11.12 5.01 2.91
N CYS A 71 11.77 4.62 1.83
CA CYS A 71 13.22 4.39 1.88
C CYS A 71 13.97 5.71 2.07
N TYR A 72 13.52 6.78 1.41
CA TYR A 72 14.19 8.07 1.51
C TYR A 72 13.98 8.70 2.88
N LYS A 73 12.81 8.49 3.49
CA LYS A 73 12.55 9.05 4.81
C LYS A 73 13.42 8.42 5.89
N ASN A 74 13.72 7.13 5.78
CA ASN A 74 14.45 6.39 6.80
C ASN A 74 15.95 6.32 6.50
N GLY A 75 16.50 7.33 5.86
CA GLY A 75 17.93 7.38 5.59
C GLY A 75 18.42 6.83 4.27
N GLY A 76 17.98 5.62 3.91
CA GLY A 76 18.38 5.03 2.66
C GLY A 76 19.60 4.14 2.77
N GLY A 77 19.40 2.84 2.60
CA GLY A 77 20.48 1.88 2.73
C GLY A 77 20.34 1.05 3.99
N ALA A 78 20.00 1.70 5.10
CA ALA A 78 19.62 0.99 6.31
C ALA A 78 18.20 0.44 6.23
N PHE A 79 17.38 1.00 5.34
CA PHE A 79 16.03 0.51 5.13
C PHE A 79 16.00 -0.88 4.51
N LEU A 80 17.08 -1.28 3.85
CA LEU A 80 17.08 -2.51 3.06
C LEU A 80 17.38 -3.77 3.88
N ILE A 81 17.92 -3.64 5.09
CA ILE A 81 18.20 -4.81 5.92
C ILE A 81 16.91 -5.33 6.54
N PRO A 82 16.14 -4.52 7.29
CA PRO A 82 14.84 -5.03 7.76
C PRO A 82 13.90 -5.40 6.63
N TYR A 83 14.00 -4.71 5.49
CA TYR A 83 13.16 -5.02 4.35
C TYR A 83 13.36 -6.47 3.88
N PHE A 84 14.62 -6.86 3.64
CA PHE A 84 14.89 -8.21 3.17
C PHE A 84 14.67 -9.24 4.27
N ILE A 85 14.99 -8.88 5.52
CA ILE A 85 14.73 -9.79 6.63
C ILE A 85 13.25 -10.13 6.72
N PHE A 86 12.39 -9.11 6.67
CA PHE A 86 10.96 -9.34 6.71
C PHE A 86 10.49 -10.10 5.47
N LEU A 87 11.03 -9.75 4.30
CA LEU A 87 10.61 -10.40 3.07
C LEU A 87 10.87 -11.90 3.11
N PHE A 88 12.02 -12.31 3.62
CA PHE A 88 12.34 -13.73 3.67
C PHE A 88 11.93 -14.41 4.97
N GLY A 89 11.41 -13.67 5.94
CA GLY A 89 10.95 -14.30 7.16
C GLY A 89 9.45 -14.39 7.33
N SER A 90 8.70 -13.38 6.85
CA SER A 90 7.26 -13.35 7.04
C SER A 90 6.47 -13.00 5.78
N GLY A 91 7.07 -12.35 4.80
CA GLY A 91 6.34 -11.92 3.62
C GLY A 91 5.82 -13.05 2.77
N LEU A 92 6.73 -13.82 2.17
CA LEU A 92 6.32 -14.96 1.36
C LEU A 92 5.57 -16.03 2.13
N PRO A 93 5.98 -16.44 3.34
CA PRO A 93 5.21 -17.48 4.05
C PRO A 93 3.76 -17.11 4.30
N VAL A 94 3.46 -15.86 4.66
CA VAL A 94 2.07 -15.47 4.93
C VAL A 94 1.27 -15.45 3.63
N PHE A 95 1.89 -14.95 2.55
CA PHE A 95 1.25 -14.98 1.24
C PHE A 95 0.87 -16.41 0.84
N PHE A 96 1.82 -17.34 0.98
CA PHE A 96 1.53 -18.73 0.65
C PHE A 96 0.49 -19.32 1.58
N LEU A 97 0.53 -18.97 2.87
CA LEU A 97 -0.45 -19.48 3.82
C LEU A 97 -1.86 -19.04 3.45
N GLU A 98 -2.03 -17.76 3.10
CA GLU A 98 -3.35 -17.29 2.70
C GLU A 98 -3.82 -17.95 1.42
N ILE A 99 -2.94 -18.08 0.43
CA ILE A 99 -3.32 -18.72 -0.83
C ILE A 99 -3.73 -20.16 -0.59
N ILE A 100 -2.96 -20.90 0.20
CA ILE A 100 -3.24 -22.31 0.43
C ILE A 100 -4.49 -22.48 1.29
N ILE A 101 -4.75 -21.57 2.23
CA ILE A 101 -5.98 -21.64 3.01
C ILE A 101 -7.19 -21.44 2.11
N GLY A 102 -7.12 -20.45 1.21
CA GLY A 102 -8.21 -20.25 0.26
C GLY A 102 -8.42 -21.45 -0.64
N GLN A 103 -7.33 -22.03 -1.16
CA GLN A 103 -7.45 -23.18 -2.05
C GLN A 103 -8.00 -24.41 -1.33
N TYR A 104 -7.57 -24.62 -0.08
CA TYR A 104 -8.01 -25.79 0.67
C TYR A 104 -9.48 -25.66 1.09
N THR A 105 -9.85 -24.50 1.63
CA THR A 105 -11.21 -24.32 2.13
C THR A 105 -12.21 -24.02 1.03
N SER A 106 -11.75 -23.48 -0.10
CA SER A 106 -12.63 -23.05 -1.19
C SER A 106 -13.67 -22.04 -0.71
N GLU A 107 -13.26 -21.16 0.20
CA GLU A 107 -14.13 -20.14 0.75
C GLU A 107 -13.42 -18.79 0.74
N GLY A 108 -14.17 -17.73 0.98
CA GLY A 108 -13.65 -16.38 0.93
C GLY A 108 -12.84 -15.99 2.14
N GLY A 109 -12.93 -14.73 2.54
CA GLY A 109 -12.11 -14.21 3.63
C GLY A 109 -12.72 -14.36 5.00
N ILE A 110 -14.03 -14.57 5.09
CA ILE A 110 -14.75 -14.69 6.35
C ILE A 110 -15.18 -16.13 6.62
N THR A 111 -15.78 -16.78 5.62
CA THR A 111 -16.26 -18.14 5.81
C THR A 111 -15.12 -19.15 5.93
N CYS A 112 -13.91 -18.80 5.50
CA CYS A 112 -12.79 -19.73 5.61
C CYS A 112 -12.36 -19.93 7.06
N TRP A 113 -12.43 -18.88 7.88
CA TRP A 113 -12.03 -18.99 9.26
C TRP A 113 -13.06 -19.72 10.12
N GLU A 114 -14.31 -19.82 9.66
CA GLU A 114 -15.31 -20.58 10.39
C GLU A 114 -15.15 -22.09 10.20
N LYS A 115 -14.44 -22.52 9.16
CA LYS A 115 -14.18 -23.92 8.92
C LYS A 115 -12.80 -24.37 9.41
N ILE A 116 -12.02 -23.46 10.00
CA ILE A 116 -10.71 -23.77 10.56
C ILE A 116 -10.69 -23.58 12.07
N CYS A 117 -11.19 -22.45 12.54
CA CYS A 117 -11.26 -22.17 13.98
C CYS A 117 -12.42 -21.20 14.21
N PRO A 118 -13.59 -21.72 14.63
CA PRO A 118 -14.73 -20.83 14.86
C PRO A 118 -14.49 -19.75 15.89
N LEU A 119 -13.65 -20.00 16.89
CA LEU A 119 -13.40 -19.00 17.92
C LEU A 119 -12.70 -17.77 17.34
N PHE A 120 -11.72 -17.98 16.47
CA PHE A 120 -10.97 -16.87 15.87
C PHE A 120 -11.54 -16.51 14.50
N SER A 121 -12.78 -16.02 14.53
CA SER A 121 -13.49 -15.63 13.32
C SER A 121 -13.53 -14.12 13.11
N GLY A 122 -12.88 -13.34 13.98
CA GLY A 122 -12.85 -11.90 13.82
C GLY A 122 -11.80 -11.37 12.86
N ILE A 123 -10.93 -12.25 12.36
CA ILE A 123 -9.90 -11.83 11.42
C ILE A 123 -10.52 -11.33 10.13
N GLY A 124 -11.60 -11.98 9.69
CA GLY A 124 -12.28 -11.52 8.48
C GLY A 124 -12.88 -10.14 8.65
N TYR A 125 -13.53 -9.88 9.79
CA TYR A 125 -14.09 -8.56 10.04
C TYR A 125 -12.99 -7.50 10.14
N ALA A 126 -11.87 -7.85 10.78
CA ALA A 126 -10.75 -6.91 10.85
C ALA A 126 -10.23 -6.59 9.45
N SER A 127 -10.12 -7.60 8.59
CA SER A 127 -9.68 -7.36 7.22
C SER A 127 -10.66 -6.49 6.45
N VAL A 128 -11.96 -6.72 6.67
CA VAL A 128 -12.98 -5.91 6.00
C VAL A 128 -12.85 -4.45 6.42
N VAL A 129 -12.68 -4.19 7.71
CA VAL A 129 -12.52 -2.82 8.19
C VAL A 129 -11.25 -2.19 7.61
N ILE A 130 -10.16 -2.96 7.56
CA ILE A 130 -8.91 -2.43 7.03
C ILE A 130 -9.07 -2.04 5.57
N VAL A 131 -9.71 -2.90 4.78
CA VAL A 131 -9.86 -2.61 3.36
C VAL A 131 -10.81 -1.43 3.15
N SER A 132 -11.84 -1.30 3.99
CA SER A 132 -12.74 -0.16 3.89
C SER A 132 -12.01 1.14 4.18
N LEU A 133 -11.12 1.14 5.17
CA LEU A 133 -10.35 2.33 5.48
C LEU A 133 -9.34 2.64 4.37
N LEU A 134 -8.74 1.60 3.77
CA LEU A 134 -7.74 1.81 2.73
C LEU A 134 -8.36 2.38 1.45
N ASN A 135 -9.56 1.93 1.12
CA ASN A 135 -10.21 2.38 -0.11
C ASN A 135 -10.54 3.87 -0.09
N VAL A 136 -10.64 4.47 1.09
CA VAL A 136 -10.98 5.89 1.18
C VAL A 136 -9.80 6.74 0.71
N TYR A 137 -8.60 6.46 1.22
CA TYR A 137 -7.45 7.31 0.96
C TYR A 137 -6.55 6.81 -0.16
N TYR A 138 -6.82 5.63 -0.73
CA TYR A 138 -5.97 5.17 -1.83
C TYR A 138 -6.20 5.94 -3.13
N ILE A 139 -7.27 6.73 -3.22
CA ILE A 139 -7.65 7.36 -4.49
C ILE A 139 -7.23 8.83 -4.58
N VAL A 140 -6.75 9.43 -3.49
CA VAL A 140 -6.25 10.81 -3.57
C VAL A 140 -4.99 10.88 -4.43
N ILE A 141 -4.18 9.81 -4.43
CA ILE A 141 -3.02 9.76 -5.33
C ILE A 141 -3.47 9.79 -6.78
N LEU A 142 -4.53 9.05 -7.11
CA LEU A 142 -5.07 9.09 -8.46
C LEU A 142 -5.61 10.47 -8.81
N ALA A 143 -6.24 11.14 -7.83
CA ALA A 143 -6.71 12.50 -8.06
C ALA A 143 -5.55 13.44 -8.38
N TRP A 144 -4.45 13.34 -7.62
CA TRP A 144 -3.27 14.16 -7.90
C TRP A 144 -2.71 13.85 -9.29
N ALA A 145 -2.66 12.57 -9.65
CA ALA A 145 -2.16 12.19 -10.97
C ALA A 145 -3.04 12.76 -12.08
N THR A 146 -4.36 12.72 -11.89
CA THR A 146 -5.26 13.31 -12.88
C THR A 146 -5.05 14.81 -13.01
N TYR A 147 -4.86 15.51 -11.89
CA TYR A 147 -4.59 16.93 -11.94
C TYR A 147 -3.30 17.22 -12.71
N TYR A 148 -2.24 16.45 -12.44
CA TYR A 148 -0.98 16.65 -13.14
C TYR A 148 -1.13 16.37 -14.63
N LEU A 149 -1.85 15.31 -14.99
CA LEU A 149 -2.05 14.96 -16.39
C LEU A 149 -2.81 16.06 -17.12
N PHE A 150 -3.86 16.60 -16.49
CA PHE A 150 -4.59 17.69 -17.10
C PHE A 150 -3.75 18.95 -17.22
N GLN A 151 -2.85 19.18 -16.26
CA GLN A 151 -1.98 20.36 -16.31
C GLN A 151 -0.83 20.21 -17.31
N SER A 152 -0.50 18.99 -17.72
CA SER A 152 0.61 18.76 -18.62
C SER A 152 0.21 18.82 -20.10
N PHE A 153 -0.88 19.50 -20.43
CA PHE A 153 -1.38 19.57 -21.80
C PHE A 153 -1.12 20.91 -22.46
N GLN A 154 -0.30 21.77 -21.87
CA GLN A 154 -0.01 23.08 -22.44
C GLN A 154 1.28 23.03 -23.27
N LYS A 155 1.68 24.20 -23.76
CA LYS A 155 2.89 24.28 -24.59
C LYS A 155 4.15 24.15 -23.75
N GLU A 156 4.12 24.62 -22.50
CA GLU A 156 5.27 24.53 -21.61
C GLU A 156 4.82 23.96 -20.27
N LEU A 157 5.66 23.12 -19.69
CA LEU A 157 5.34 22.50 -18.40
C LEU A 157 5.34 23.56 -17.30
N PRO A 158 4.32 23.60 -16.44
CA PRO A 158 4.26 24.67 -15.43
C PRO A 158 5.40 24.64 -14.43
N TRP A 159 6.00 23.48 -14.18
CA TRP A 159 7.03 23.34 -13.17
C TRP A 159 8.44 23.53 -13.70
N ALA A 160 8.61 23.78 -15.01
CA ALA A 160 9.95 23.94 -15.56
C ALA A 160 10.61 25.22 -15.07
N HIS A 161 9.89 26.33 -15.14
CA HIS A 161 10.40 27.62 -14.69
C HIS A 161 9.44 28.21 -13.66
N CYS A 162 9.93 29.20 -12.91
CA CYS A 162 9.12 29.85 -11.88
C CYS A 162 9.12 31.36 -12.11
N ASN A 163 8.11 31.82 -12.85
CA ASN A 163 7.79 33.24 -12.97
C ASN A 163 6.28 33.45 -12.94
N HIS A 164 5.54 32.51 -12.36
CA HIS A 164 4.09 32.51 -12.42
C HIS A 164 3.50 33.26 -11.23
N SER A 165 2.18 33.17 -11.06
CA SER A 165 1.51 33.89 -9.99
C SER A 165 1.70 33.24 -8.63
N TRP A 166 1.84 31.90 -8.60
CA TRP A 166 1.95 31.19 -7.33
C TRP A 166 3.37 31.15 -6.79
N ASN A 167 4.34 31.70 -7.50
CA ASN A 167 5.72 31.66 -7.06
C ASN A 167 6.00 32.74 -6.02
N THR A 168 7.12 32.60 -5.35
CA THR A 168 7.57 33.51 -4.31
C THR A 168 8.88 34.16 -4.74
N PRO A 169 9.25 35.29 -4.15
CA PRO A 169 10.54 35.92 -4.50
C PRO A 169 11.75 35.04 -4.19
N HIS A 170 11.60 34.02 -3.35
CA HIS A 170 12.71 33.15 -3.00
C HIS A 170 13.07 32.17 -4.12
N CYS A 171 12.19 31.99 -5.10
CA CYS A 171 12.45 30.99 -6.14
C CYS A 171 13.55 31.45 -7.09
N MET A 172 14.34 30.48 -7.56
CA MET A 172 15.33 30.73 -8.59
C MET A 172 15.48 29.46 -9.43
N GLU A 173 15.89 29.64 -10.68
CA GLU A 173 16.12 28.51 -11.56
C GLU A 173 17.19 27.59 -10.99
N ASP A 174 17.00 26.29 -11.15
CA ASP A 174 17.91 25.32 -10.57
C ASP A 174 19.30 25.41 -11.17
N THR A 175 19.40 25.80 -12.44
CA THR A 175 20.69 25.90 -13.11
C THR A 175 21.47 27.15 -12.74
N MET A 176 20.87 28.08 -12.01
CA MET A 176 21.52 29.34 -11.65
C MET A 176 21.78 29.45 -10.15
N ARG A 177 21.52 28.38 -9.39
CA ARG A 177 21.75 28.45 -7.94
C ARG A 177 23.24 28.47 -7.62
N LYS A 178 24.04 27.67 -8.34
CA LYS A 178 25.47 27.63 -8.10
C LYS A 178 26.17 28.94 -8.40
N ASN A 179 25.58 29.77 -9.28
CA ASN A 179 26.18 31.07 -9.59
C ASN A 179 26.18 31.98 -8.36
N LYS A 180 25.10 31.97 -7.59
CA LYS A 180 24.96 32.83 -6.42
C LYS A 180 25.27 32.08 -5.13
N SER A 181 24.55 30.98 -4.87
CA SER A 181 24.74 30.21 -3.65
C SER A 181 24.27 28.77 -3.82
N THR A 189 19.22 34.02 1.02
CA THR A 189 19.16 32.61 1.39
C THR A 189 17.73 32.10 1.34
N ASN A 190 17.52 30.88 1.88
CA ASN A 190 16.21 30.23 1.87
C ASN A 190 15.64 30.13 0.46
N PHE A 191 16.50 29.84 -0.51
CA PHE A 191 16.08 29.72 -1.89
C PHE A 191 15.28 28.44 -2.10
N THR A 192 14.40 28.46 -3.09
CA THR A 192 13.50 27.34 -3.36
C THR A 192 13.50 27.02 -4.84
N SER A 193 13.16 25.77 -5.15
CA SER A 193 13.10 25.14 -6.47
C SER A 193 11.72 25.31 -7.09
N PRO A 194 11.65 25.54 -8.40
CA PRO A 194 10.34 25.71 -9.06
C PRO A 194 9.43 24.50 -8.95
N VAL A 195 9.97 23.29 -9.00
CA VAL A 195 9.12 22.10 -8.97
C VAL A 195 8.50 21.91 -7.59
N ILE A 196 9.30 22.08 -6.54
CA ILE A 196 8.77 21.97 -5.18
C ILE A 196 7.75 23.07 -4.91
N GLU A 197 8.05 24.29 -5.37
CA GLU A 197 7.10 25.39 -5.20
C GLU A 197 5.79 25.11 -5.93
N PHE A 198 5.87 24.56 -7.14
CA PHE A 198 4.66 24.18 -7.85
C PHE A 198 3.85 23.16 -7.05
N TRP A 199 4.50 22.07 -6.64
CA TRP A 199 3.79 21.01 -5.93
C TRP A 199 3.19 21.50 -4.62
N GLU A 200 3.83 22.47 -3.97
CA GLU A 200 3.38 22.92 -2.66
C GLU A 200 2.37 24.08 -2.72
N ARG A 201 2.41 24.90 -3.77
CA ARG A 201 1.59 26.10 -3.82
C ARG A 201 0.55 26.10 -4.92
N ASN A 202 0.55 25.13 -5.83
CA ASN A 202 -0.47 25.05 -6.87
C ASN A 202 -1.37 23.84 -6.72
N VAL A 203 -0.81 22.70 -6.36
CA VAL A 203 -1.60 21.47 -6.19
C VAL A 203 -2.11 21.34 -4.77
N LEU A 204 -1.27 21.62 -3.77
CA LEU A 204 -1.62 21.40 -2.38
C LEU A 204 -2.18 22.65 -1.70
N SER A 205 -1.48 23.78 -1.83
CA SER A 205 -1.78 24.99 -1.06
C SER A 205 -1.75 24.70 0.43
N LEU A 206 -0.57 24.30 0.90
CA LEU A 206 -0.41 23.82 2.27
C LEU A 206 -0.73 24.91 3.28
N SER A 207 -1.38 24.52 4.36
CA SER A 207 -1.73 25.40 5.46
C SER A 207 -0.72 25.23 6.60
N PRO A 208 -0.73 26.14 7.58
CA PRO A 208 0.22 26.01 8.69
C PRO A 208 0.07 24.74 9.53
N GLY A 209 -1.09 24.09 9.51
CA GLY A 209 -1.26 22.90 10.33
C GLY A 209 -2.54 22.17 10.00
N ILE A 210 -2.73 21.04 10.69
CA ILE A 210 -3.94 20.24 10.49
C ILE A 210 -5.17 20.98 11.01
N ASP A 211 -5.03 21.75 12.09
CA ASP A 211 -6.14 22.51 12.65
C ASP A 211 -6.45 23.76 11.86
N HIS A 212 -5.93 23.89 10.65
CA HIS A 212 -6.22 24.99 9.73
C HIS A 212 -6.67 24.41 8.40
N PRO A 213 -7.88 23.86 8.33
CA PRO A 213 -8.34 23.25 7.08
C PRO A 213 -8.49 24.23 5.94
N GLY A 214 -8.61 25.53 6.23
CA GLY A 214 -8.78 26.52 5.19
C GLY A 214 -10.06 26.38 4.42
N SER A 215 -9.97 26.24 3.10
CA SER A 215 -11.14 26.10 2.23
C SER A 215 -10.95 24.91 1.31
N LEU A 216 -12.07 24.36 0.86
CA LEU A 216 -12.05 23.21 -0.04
C LEU A 216 -11.51 23.62 -1.41
N LYS A 217 -10.68 22.76 -1.99
CA LYS A 217 -10.13 22.99 -3.32
C LYS A 217 -11.06 22.35 -4.35
N TRP A 218 -11.63 23.17 -5.23
CA TRP A 218 -12.69 22.70 -6.11
C TRP A 218 -12.16 21.86 -7.26
N ASP A 219 -10.99 22.19 -7.79
CA ASP A 219 -10.42 21.40 -8.88
C ASP A 219 -10.04 20.00 -8.41
N LEU A 220 -9.44 19.89 -7.23
CA LEU A 220 -9.10 18.57 -6.69
C LEU A 220 -10.36 17.79 -6.35
N ALA A 221 -11.41 18.47 -5.85
CA ALA A 221 -12.67 17.79 -5.59
C ALA A 221 -13.29 17.27 -6.88
N LEU A 222 -13.22 18.04 -7.96
CA LEU A 222 -13.75 17.58 -9.23
C LEU A 222 -12.95 16.41 -9.80
N CYS A 223 -11.63 16.44 -9.61
CA CYS A 223 -10.81 15.30 -10.04
C CYS A 223 -11.15 14.04 -9.24
N LEU A 224 -11.37 14.20 -7.93
CA LEU A 224 -11.80 13.06 -7.10
C LEU A 224 -13.15 12.53 -7.56
N LEU A 225 -14.09 13.43 -7.87
CA LEU A 225 -15.39 13.00 -8.37
C LEU A 225 -15.23 12.26 -9.69
N LEU A 226 -14.34 12.73 -10.56
CA LEU A 226 -14.13 12.09 -11.84
C LEU A 226 -13.58 10.67 -11.68
N VAL A 227 -12.58 10.50 -10.81
CA VAL A 227 -12.02 9.16 -10.63
C VAL A 227 -13.02 8.22 -9.97
N TRP A 228 -13.82 8.74 -9.03
CA TRP A 228 -14.85 7.89 -8.42
C TRP A 228 -15.93 7.51 -9.41
N LEU A 229 -16.29 8.43 -10.32
CA LEU A 229 -17.25 8.10 -11.36
C LEU A 229 -16.68 7.12 -12.38
N VAL A 230 -15.35 7.13 -12.55
CA VAL A 230 -14.71 6.12 -13.39
C VAL A 230 -14.75 4.75 -12.70
N CYS A 231 -14.55 4.73 -11.38
CA CYS A 231 -14.68 3.47 -10.63
C CYS A 231 -16.08 2.91 -10.75
N PHE A 232 -17.09 3.75 -10.51
CA PHE A 232 -18.45 3.43 -10.90
C PHE A 232 -18.53 3.35 -12.42
N PHE A 233 -19.63 2.76 -12.92
CA PHE A 233 -19.85 2.47 -14.33
C PHE A 233 -18.85 1.45 -14.87
N CYS A 234 -17.90 1.01 -14.05
CA CYS A 234 -16.98 -0.08 -14.36
C CYS A 234 -17.10 -1.22 -13.37
N ILE A 235 -17.21 -0.91 -12.08
CA ILE A 235 -17.58 -1.94 -11.11
C ILE A 235 -19.01 -2.41 -11.36
N TRP A 236 -19.91 -1.47 -11.65
CA TRP A 236 -21.29 -1.83 -11.93
C TRP A 236 -21.40 -2.61 -13.24
N LYS A 237 -20.79 -2.10 -14.31
CA LYS A 237 -20.88 -2.78 -15.61
C LYS A 237 -20.17 -4.12 -15.58
N GLY A 238 -18.97 -4.16 -15.00
CA GLY A 238 -18.24 -5.41 -14.88
C GLY A 238 -17.08 -5.54 -15.84
N VAL A 239 -16.79 -4.47 -16.59
CA VAL A 239 -15.70 -4.52 -17.56
C VAL A 239 -14.37 -4.50 -16.82
N ARG A 240 -13.58 -5.55 -17.02
CA ARG A 240 -12.28 -5.69 -16.38
C ARG A 240 -11.14 -5.76 -17.37
N SER A 241 -11.21 -6.68 -18.33
CA SER A 241 -10.15 -6.87 -19.31
C SER A 241 -10.70 -7.64 -20.50
N THR A 242 -9.81 -8.00 -21.41
CA THR A 242 -10.18 -8.76 -22.61
C THR A 242 -9.00 -9.64 -23.00
N GLY A 243 -9.04 -10.18 -24.21
CA GLY A 243 -7.99 -11.06 -24.68
C GLY A 243 -7.01 -10.38 -25.62
N LYS A 244 -7.05 -9.06 -25.70
CA LYS A 244 -6.18 -8.29 -26.58
C LYS A 244 -5.52 -7.10 -25.91
N VAL A 245 -6.09 -6.56 -24.85
CA VAL A 245 -5.54 -5.36 -24.21
C VAL A 245 -4.46 -5.69 -23.19
N VAL A 246 -4.51 -6.89 -22.59
CA VAL A 246 -3.60 -7.24 -21.50
C VAL A 246 -2.15 -7.20 -21.96
N TYR A 247 -1.88 -7.43 -23.25
CA TYR A 247 -0.52 -7.34 -23.75
C TYR A 247 0.03 -5.93 -23.58
N PHE A 248 -0.78 -4.91 -23.90
CA PHE A 248 -0.35 -3.53 -23.72
C PHE A 248 -0.42 -3.10 -22.25
N THR A 249 -1.39 -3.64 -21.51
CA THR A 249 -1.56 -3.23 -20.10
C THR A 249 -0.36 -3.66 -19.26
N ALA A 250 0.15 -4.87 -19.48
CA ALA A 250 1.23 -5.41 -18.66
C ALA A 250 2.62 -5.00 -19.14
N THR A 251 2.73 -4.38 -20.31
CA THR A 251 4.02 -4.02 -20.87
C THR A 251 4.34 -2.53 -20.81
N PHE A 252 3.31 -1.67 -20.80
CA PHE A 252 3.53 -0.24 -20.76
C PHE A 252 4.27 0.22 -19.50
N PRO A 253 3.88 -0.17 -18.29
CA PRO A 253 4.64 0.30 -17.10
C PRO A 253 6.10 -0.10 -17.12
N PHE A 254 6.42 -1.30 -17.60
CA PHE A 254 7.82 -1.72 -17.63
C PHE A 254 8.62 -0.93 -18.65
N ALA A 255 8.02 -0.62 -19.80
CA ALA A 255 8.70 0.21 -20.78
C ALA A 255 8.95 1.62 -20.24
N MET A 256 7.96 2.20 -19.58
CA MET A 256 8.14 3.53 -19.01
C MET A 256 9.20 3.52 -17.91
N LEU A 257 9.20 2.49 -17.07
CA LEU A 257 10.20 2.38 -16.01
C LEU A 257 11.61 2.23 -16.58
N LEU A 258 11.74 1.42 -17.64
CA LEU A 258 13.05 1.26 -18.28
C LEU A 258 13.53 2.58 -18.88
N VAL A 259 12.63 3.32 -19.53
CA VAL A 259 13.01 4.62 -20.10
C VAL A 259 13.47 5.56 -19.00
N LEU A 260 12.72 5.62 -17.89
CA LEU A 260 13.08 6.51 -16.79
C LEU A 260 14.41 6.11 -16.17
N LEU A 261 14.65 4.81 -15.99
CA LEU A 261 15.90 4.35 -15.41
C LEU A 261 17.09 4.67 -16.32
N VAL A 262 16.93 4.46 -17.63
CA VAL A 262 18.02 4.77 -18.56
C VAL A 262 18.31 6.26 -18.55
N ARG A 263 17.27 7.09 -18.53
CA ARG A 263 17.48 8.53 -18.47
C ARG A 263 18.19 8.93 -17.17
N GLY A 264 17.78 8.35 -16.04
CA GLY A 264 18.37 8.73 -14.77
C GLY A 264 19.82 8.30 -14.63
N LEU A 265 20.16 7.12 -15.17
CA LEU A 265 21.50 6.58 -14.97
C LEU A 265 22.58 7.39 -15.69
N THR A 266 22.23 8.16 -16.71
CA THR A 266 23.19 8.91 -17.49
C THR A 266 23.36 10.35 -17.01
N LEU A 267 22.64 10.76 -15.98
CA LEU A 267 22.76 12.11 -15.45
C LEU A 267 24.01 12.25 -14.59
N PRO A 268 24.64 13.42 -14.59
CA PRO A 268 25.78 13.64 -13.68
C PRO A 268 25.33 13.56 -12.22
N GLY A 269 26.22 13.03 -11.39
CA GLY A 269 25.93 12.90 -9.98
C GLY A 269 25.07 11.71 -9.61
N ALA A 270 24.82 10.79 -10.55
CA ALA A 270 24.01 9.61 -10.24
C ALA A 270 24.74 8.66 -9.31
N GLY A 271 26.08 8.61 -9.40
CA GLY A 271 26.83 7.70 -8.55
C GLY A 271 26.68 8.02 -7.07
N ALA A 272 26.66 9.32 -6.73
CA ALA A 272 26.43 9.71 -5.35
C ALA A 272 25.05 9.27 -4.87
N GLY A 273 24.04 9.39 -5.74
CA GLY A 273 22.72 8.92 -5.38
C GLY A 273 22.67 7.42 -5.16
N ILE A 274 23.36 6.66 -6.01
CA ILE A 274 23.41 5.21 -5.84
C ILE A 274 24.11 4.85 -4.53
N LYS A 275 25.21 5.53 -4.22
CA LYS A 275 25.91 5.28 -2.96
C LYS A 275 25.05 5.60 -1.76
N PHE A 276 24.28 6.69 -1.84
CA PHE A 276 23.33 7.03 -0.79
C PHE A 276 22.26 5.95 -0.65
N TYR A 277 21.80 5.41 -1.78
CA TYR A 277 20.72 4.43 -1.77
C TYR A 277 21.18 3.07 -1.26
N LEU A 278 22.46 2.73 -1.44
CA LEU A 278 22.93 1.38 -1.14
C LEU A 278 23.74 1.24 0.13
N TYR A 279 24.32 2.32 0.66
CA TYR A 279 25.22 2.20 1.80
C TYR A 279 24.42 2.02 3.09
N PRO A 280 24.62 0.92 3.83
CA PRO A 280 23.82 0.67 5.04
C PRO A 280 24.38 1.32 6.29
N ASP A 281 24.02 2.58 6.56
CA ASP A 281 24.35 3.19 7.83
C ASP A 281 23.75 2.38 8.98
N ILE A 282 24.56 2.09 10.00
CA ILE A 282 24.20 1.10 11.01
C ILE A 282 23.49 1.71 12.19
N THR A 283 23.90 2.91 12.63
CA THR A 283 23.34 3.50 13.84
C THR A 283 21.84 3.80 13.69
N ARG A 284 21.32 3.84 12.47
CA ARG A 284 19.90 4.05 12.27
C ARG A 284 19.08 2.83 12.67
N LEU A 285 19.70 1.66 12.77
CA LEU A 285 18.97 0.42 13.06
C LEU A 285 18.47 0.35 14.51
N GLU A 286 18.87 1.28 15.36
CA GLU A 286 18.37 1.31 16.73
C GLU A 286 17.01 2.00 16.85
N ASP A 287 16.48 2.54 15.75
CA ASP A 287 15.17 3.17 15.76
C ASP A 287 14.10 2.15 15.37
N PRO A 288 13.06 1.96 16.18
CA PRO A 288 12.01 0.98 15.81
C PRO A 288 11.25 1.36 14.55
N GLN A 289 11.22 2.64 14.19
CA GLN A 289 10.42 3.07 13.05
C GLN A 289 10.94 2.49 11.74
N VAL A 290 12.27 2.36 11.61
CA VAL A 290 12.84 1.74 10.43
C VAL A 290 12.32 0.32 10.27
N TRP A 291 12.38 -0.46 11.35
CA TRP A 291 11.92 -1.84 11.31
C TRP A 291 10.43 -1.92 10.98
N ILE A 292 9.61 -1.08 11.62
CA ILE A 292 8.17 -1.14 11.38
C ILE A 292 7.84 -0.75 9.95
N ASP A 293 8.45 0.31 9.44
CA ASP A 293 8.19 0.76 8.07
C ASP A 293 8.61 -0.30 7.06
N ALA A 294 9.82 -0.85 7.24
CA ALA A 294 10.30 -1.87 6.30
C ALA A 294 9.45 -3.13 6.35
N GLY A 295 9.02 -3.54 7.55
CA GLY A 295 8.18 -4.72 7.65
C GLY A 295 6.80 -4.53 7.05
N THR A 296 6.19 -3.36 7.29
CA THR A 296 4.83 -3.12 6.81
C THR A 296 4.78 -2.77 5.34
N GLN A 297 5.90 -2.32 4.74
CA GLN A 297 5.91 -2.10 3.30
C GLN A 297 5.70 -3.40 2.55
N ILE A 298 6.31 -4.49 3.02
CA ILE A 298 6.14 -5.80 2.40
C ILE A 298 4.68 -6.24 2.46
N PHE A 299 4.04 -6.05 3.63
CA PHE A 299 2.63 -6.41 3.76
C PHE A 299 1.76 -5.54 2.85
N PHE A 300 2.07 -4.25 2.77
CA PHE A 300 1.28 -3.35 1.92
C PHE A 300 1.38 -3.73 0.45
N SER A 301 2.59 -4.05 -0.03
CA SER A 301 2.77 -4.35 -1.44
C SER A 301 2.19 -5.71 -1.81
N TYR A 302 2.28 -6.68 -0.90
CA TYR A 302 1.79 -8.02 -1.19
C TYR A 302 0.27 -8.14 -1.08
N ALA A 303 -0.40 -7.10 -0.57
CA ALA A 303 -1.86 -7.11 -0.41
C ALA A 303 -2.34 -8.26 0.45
N ILE A 304 -1.57 -8.57 1.50
CA ILE A 304 -1.95 -9.59 2.46
C ILE A 304 -2.60 -8.91 3.66
N CYS A 305 -3.27 -9.71 4.48
CA CYS A 305 -4.07 -9.28 5.62
C CYS A 305 -5.28 -8.46 5.19
N LEU A 306 -5.66 -8.51 3.91
CA LEU A 306 -6.81 -7.79 3.40
C LEU A 306 -7.98 -8.70 3.04
N GLY A 307 -7.80 -10.01 3.09
CA GLY A 307 -8.84 -10.93 2.67
C GLY A 307 -8.93 -11.15 1.18
N ALA A 308 -8.02 -10.56 0.40
CA ALA A 308 -8.06 -10.67 -1.05
C ALA A 308 -7.33 -11.92 -1.56
N MET A 309 -6.21 -12.28 -0.91
CA MET A 309 -5.45 -13.44 -1.37
C MET A 309 -6.22 -14.73 -1.10
N THR A 310 -6.96 -14.80 -0.01
CA THR A 310 -7.80 -15.98 0.24
C THR A 310 -8.85 -16.16 -0.84
N SER A 311 -9.51 -15.07 -1.23
CA SER A 311 -10.52 -15.16 -2.28
C SER A 311 -9.88 -15.48 -3.63
N LEU A 312 -8.68 -14.93 -3.89
CA LEU A 312 -7.98 -15.25 -5.13
C LEU A 312 -7.60 -16.72 -5.19
N GLY A 313 -7.14 -17.28 -4.08
CA GLY A 313 -6.80 -18.69 -4.05
C GLY A 313 -7.99 -19.62 -4.04
N SER A 314 -9.16 -19.13 -3.60
CA SER A 314 -10.36 -19.96 -3.61
C SER A 314 -10.79 -20.33 -5.03
N TYR A 315 -10.34 -19.59 -6.04
CA TYR A 315 -10.67 -19.89 -7.42
C TYR A 315 -9.76 -20.95 -8.04
N ASN A 316 -8.66 -21.30 -7.37
CA ASN A 316 -7.78 -22.33 -7.89
C ASN A 316 -8.41 -23.72 -7.74
N LYS A 317 -7.96 -24.64 -8.58
CA LYS A 317 -8.39 -26.02 -8.47
C LYS A 317 -7.73 -26.68 -7.25
N TYR A 318 -8.31 -27.79 -6.82
CA TYR A 318 -7.73 -28.53 -5.69
C TYR A 318 -6.35 -29.07 -6.05
N LYS A 319 -6.20 -29.62 -7.25
CA LYS A 319 -4.92 -30.17 -7.69
C LYS A 319 -4.21 -29.12 -8.54
N TYR A 320 -3.54 -28.20 -7.85
CA TYR A 320 -2.81 -27.13 -8.50
C TYR A 320 -1.63 -26.73 -7.63
N ASN A 321 -0.46 -26.58 -8.24
CA ASN A 321 0.76 -26.22 -7.53
C ASN A 321 0.88 -24.71 -7.47
N SER A 322 0.42 -24.12 -6.37
CA SER A 322 0.49 -22.68 -6.18
C SER A 322 1.74 -22.24 -5.43
N TYR A 323 2.51 -23.20 -4.93
CA TYR A 323 3.73 -22.88 -4.16
C TYR A 323 4.73 -22.16 -5.07
N ARG A 324 5.00 -22.73 -6.25
CA ARG A 324 5.95 -22.13 -7.21
C ARG A 324 5.43 -20.77 -7.67
N ASP A 325 4.10 -20.64 -7.83
CA ASP A 325 3.49 -19.36 -8.27
C ASP A 325 3.69 -18.29 -7.19
N CYS A 326 3.46 -18.65 -5.93
CA CYS A 326 3.57 -17.66 -4.82
C CYS A 326 5.02 -17.21 -4.68
N MET A 327 5.98 -18.09 -4.98
CA MET A 327 7.38 -17.68 -4.92
C MET A 327 7.74 -16.77 -6.08
N LEU A 328 7.31 -17.12 -7.30
CA LEU A 328 7.62 -16.31 -8.46
C LEU A 328 7.01 -14.91 -8.35
N LEU A 329 5.75 -14.84 -7.93
CA LEU A 329 5.08 -13.55 -7.81
C LEU A 329 5.74 -12.67 -6.76
N GLY A 330 6.09 -13.25 -5.60
CA GLY A 330 6.75 -12.48 -4.57
C GLY A 330 8.12 -11.97 -5.01
N CYS A 331 8.91 -12.83 -5.64
CA CYS A 331 10.23 -12.43 -6.10
C CYS A 331 10.13 -11.32 -7.15
N LEU A 332 9.21 -11.46 -8.09
CA LEU A 332 9.06 -10.44 -9.13
C LEU A 332 8.58 -9.12 -8.55
N ASN A 333 7.65 -9.16 -7.59
CA ASN A 333 7.18 -7.94 -6.94
C ASN A 333 8.32 -7.23 -6.22
N SER A 334 9.12 -7.98 -5.46
CA SER A 334 10.23 -7.38 -4.74
C SER A 334 11.28 -6.82 -5.70
N GLY A 335 11.57 -7.53 -6.79
CA GLY A 335 12.53 -7.02 -7.75
C GLY A 335 12.05 -5.75 -8.43
N THR A 336 10.78 -5.70 -8.79
CA THR A 336 10.22 -4.48 -9.39
C THR A 336 10.29 -3.32 -8.42
N SER A 337 10.00 -3.56 -7.14
CA SER A 337 10.13 -2.50 -6.15
C SER A 337 11.58 -2.05 -6.01
N PHE A 338 12.52 -2.99 -6.03
CA PHE A 338 13.93 -2.68 -5.81
C PHE A 338 14.54 -1.91 -6.98
N VAL A 339 14.10 -2.19 -8.21
CA VAL A 339 14.77 -1.62 -9.37
C VAL A 339 14.53 -0.12 -9.49
N SER A 340 13.28 0.34 -9.29
CA SER A 340 12.95 1.74 -9.53
C SER A 340 13.65 2.68 -8.56
N GLY A 341 14.10 2.19 -7.41
CA GLY A 341 14.86 3.01 -6.49
C GLY A 341 16.14 3.51 -7.09
N PHE A 342 16.76 2.73 -7.97
CA PHE A 342 17.96 3.17 -8.67
C PHE A 342 17.71 4.45 -9.45
N ALA A 343 16.64 4.46 -10.26
CA ALA A 343 16.31 5.65 -11.04
C ALA A 343 15.96 6.82 -10.14
N ILE A 344 15.15 6.57 -9.10
CA ILE A 344 14.72 7.66 -8.23
C ILE A 344 15.92 8.30 -7.55
N PHE A 345 16.84 7.48 -7.03
CA PHE A 345 17.97 8.02 -6.28
C PHE A 345 19.03 8.59 -7.20
N SER A 346 19.17 8.10 -8.43
CA SER A 346 20.04 8.77 -9.38
C SER A 346 19.53 10.16 -9.73
N ILE A 347 18.21 10.31 -9.91
CA ILE A 347 17.64 11.63 -10.13
C ILE A 347 17.88 12.53 -8.92
N LEU A 348 17.69 11.98 -7.72
CA LEU A 348 17.91 12.76 -6.50
C LEU A 348 19.37 13.21 -6.39
N GLY A 349 20.32 12.32 -6.71
CA GLY A 349 21.71 12.70 -6.67
C GLY A 349 22.07 13.77 -7.69
N PHE A 350 21.51 13.67 -8.89
CA PHE A 350 21.72 14.72 -9.88
C PHE A 350 21.17 16.05 -9.39
N MET A 351 19.98 16.04 -8.78
CA MET A 351 19.41 17.27 -8.26
C MET A 351 20.28 17.86 -7.16
N ALA A 352 20.79 17.02 -6.26
CA ALA A 352 21.66 17.50 -5.19
C ALA A 352 22.94 18.09 -5.75
N GLN A 353 23.54 17.45 -6.75
CA GLN A 353 24.74 17.99 -7.36
C GLN A 353 24.46 19.34 -8.04
N GLU A 354 23.33 19.44 -8.74
CA GLU A 354 23.01 20.67 -9.46
C GLU A 354 22.73 21.82 -8.51
N GLN A 355 21.99 21.57 -7.43
CA GLN A 355 21.64 22.63 -6.50
C GLN A 355 22.70 22.88 -5.44
N GLY A 356 23.72 22.02 -5.34
CA GLY A 356 24.77 22.20 -4.35
C GLY A 356 24.32 22.04 -2.91
N VAL A 357 23.49 21.03 -2.63
CA VAL A 357 23.00 20.74 -1.30
C VAL A 357 23.10 19.24 -1.07
N ASP A 358 22.65 18.81 0.11
CA ASP A 358 22.72 17.40 0.49
C ASP A 358 21.57 16.62 -0.15
N ILE A 359 21.83 15.33 -0.40
CA ILE A 359 20.80 14.46 -0.96
C ILE A 359 19.66 14.24 0.03
N ALA A 360 19.89 14.43 1.31
CA ALA A 360 18.86 14.23 2.33
C ALA A 360 17.96 15.45 2.50
N ASP A 361 18.19 16.53 1.76
CA ASP A 361 17.40 17.74 1.91
C ASP A 361 16.86 18.28 0.59
N VAL A 362 17.09 17.61 -0.53
CA VAL A 362 16.71 18.16 -1.83
C VAL A 362 15.20 18.17 -1.99
N ALA A 363 14.54 17.07 -1.64
CA ALA A 363 13.12 16.89 -1.92
C ALA A 363 12.36 16.67 -0.61
N GLU A 364 11.06 16.39 -0.74
CA GLU A 364 10.20 16.19 0.41
C GLU A 364 10.40 14.79 0.98
N SER A 365 10.51 14.70 2.30
CA SER A 365 10.59 13.42 2.99
C SER A 365 9.19 12.91 3.34
N GLY A 366 8.37 12.81 2.29
CA GLY A 366 6.98 12.42 2.45
C GLY A 366 6.38 11.86 1.18
N PRO A 367 5.05 11.81 1.11
CA PRO A 367 4.38 11.18 -0.03
C PRO A 367 4.61 11.87 -1.36
N GLY A 368 5.05 13.13 -1.38
CA GLY A 368 5.24 13.87 -2.62
C GLY A 368 6.58 13.65 -3.30
N LEU A 369 7.35 12.64 -2.89
CA LEU A 369 8.68 12.45 -3.46
C LEU A 369 8.60 12.13 -4.95
N ALA A 370 7.67 11.26 -5.35
CA ALA A 370 7.55 10.92 -6.77
C ALA A 370 7.10 12.13 -7.59
N PHE A 371 6.09 12.85 -7.10
CA PHE A 371 5.58 14.03 -7.79
C PHE A 371 6.59 15.19 -7.80
N ILE A 372 7.63 15.11 -6.98
CA ILE A 372 8.72 16.08 -7.09
C ILE A 372 9.82 15.59 -8.03
N ALA A 373 10.14 14.29 -8.00
CA ALA A 373 11.30 13.79 -8.70
C ALA A 373 11.02 13.53 -10.18
N TYR A 374 9.95 12.78 -10.48
CA TYR A 374 9.75 12.31 -11.86
C TYR A 374 9.51 13.44 -12.86
N PRO A 375 8.68 14.46 -12.55
CA PRO A 375 8.60 15.60 -13.48
C PRO A 375 9.93 16.30 -13.73
N LYS A 376 10.79 16.37 -12.71
CA LYS A 376 12.13 16.91 -12.94
C LYS A 376 12.89 16.08 -13.96
N ALA A 377 12.74 14.76 -13.90
CA ALA A 377 13.38 13.89 -14.88
C ALA A 377 12.82 14.12 -16.28
N VAL A 378 11.49 14.22 -16.40
CA VAL A 378 10.90 14.38 -17.73
C VAL A 378 11.18 15.75 -18.31
N THR A 379 11.50 16.74 -17.48
CA THR A 379 11.91 18.03 -18.01
C THR A 379 13.29 17.99 -18.66
N MET A 380 14.05 16.91 -18.49
CA MET A 380 15.39 16.79 -19.04
C MET A 380 15.42 15.94 -20.32
N MET A 381 14.26 15.57 -20.85
CA MET A 381 14.18 14.76 -22.05
C MET A 381 13.65 15.58 -23.22
N PRO A 382 14.01 15.23 -24.46
CA PRO A 382 13.40 15.89 -25.62
C PRO A 382 11.90 15.63 -25.66
N LEU A 383 11.15 16.66 -26.06
CA LEU A 383 9.68 16.63 -26.08
C LEU A 383 9.16 16.26 -24.70
N PRO A 384 9.32 17.13 -23.70
CA PRO A 384 8.94 16.76 -22.32
C PRO A 384 7.46 16.46 -22.15
N THR A 385 6.57 17.14 -22.88
CA THR A 385 5.14 16.97 -22.68
C THR A 385 4.69 15.55 -23.03
N PHE A 386 5.25 14.98 -24.10
CA PHE A 386 4.92 13.61 -24.49
C PHE A 386 5.24 12.63 -23.36
N TRP A 387 6.44 12.76 -22.78
CA TRP A 387 6.85 11.86 -21.71
C TRP A 387 6.04 12.09 -20.45
N SER A 388 5.69 13.34 -20.15
CA SER A 388 4.84 13.62 -18.99
C SER A 388 3.47 12.96 -19.16
N ILE A 389 2.87 13.09 -20.34
CA ILE A 389 1.57 12.49 -20.59
C ILE A 389 1.66 10.98 -20.44
N LEU A 390 2.70 10.38 -21.02
CA LEU A 390 2.85 8.93 -20.90
C LEU A 390 3.02 8.49 -19.45
N PHE A 391 3.84 9.21 -18.69
CA PHE A 391 4.10 8.83 -17.30
C PHE A 391 2.84 8.91 -16.46
N PHE A 392 2.06 9.98 -16.61
CA PHE A 392 0.87 10.10 -15.77
C PHE A 392 -0.26 9.19 -16.23
N ILE A 393 -0.36 8.88 -17.53
CA ILE A 393 -1.27 7.85 -17.98
C ILE A 393 -0.90 6.51 -17.37
N MET A 394 0.41 6.21 -17.32
CA MET A 394 0.86 4.95 -16.71
C MET A 394 0.51 4.90 -15.22
N LEU A 395 0.69 6.02 -14.52
CA LEU A 395 0.32 6.07 -13.11
C LEU A 395 -1.17 5.80 -12.90
N LEU A 396 -2.01 6.44 -13.72
CA LEU A 396 -3.45 6.23 -13.60
C LEU A 396 -3.82 4.79 -13.90
N LEU A 397 -3.20 4.19 -14.93
CA LEU A 397 -3.48 2.79 -15.25
C LEU A 397 -3.06 1.86 -14.12
N LEU A 398 -1.91 2.14 -13.50
CA LEU A 398 -1.47 1.32 -12.38
C LEU A 398 -2.43 1.40 -11.20
N GLY A 399 -2.90 2.61 -10.88
CA GLY A 399 -3.79 2.78 -9.74
C GLY A 399 -5.21 2.25 -9.92
N LEU A 400 -5.77 2.44 -11.11
CA LEU A 400 -7.19 2.18 -11.32
C LEU A 400 -7.51 0.69 -11.20
N ASP A 401 -6.63 -0.18 -11.68
CA ASP A 401 -6.88 -1.61 -11.61
C ASP A 401 -6.96 -2.09 -10.17
N SER A 402 -6.00 -1.68 -9.34
CA SER A 402 -6.01 -2.06 -7.93
C SER A 402 -7.24 -1.49 -7.22
N GLN A 403 -7.59 -0.24 -7.53
CA GLN A 403 -8.79 0.34 -6.90
C GLN A 403 -10.04 -0.44 -7.28
N PHE A 404 -10.17 -0.79 -8.56
CA PHE A 404 -11.33 -1.56 -9.01
C PHE A 404 -11.42 -2.88 -8.28
N VAL A 405 -10.30 -3.63 -8.23
CA VAL A 405 -10.31 -4.95 -7.61
C VAL A 405 -10.67 -4.84 -6.13
N GLU A 406 -10.06 -3.88 -5.44
CA GLU A 406 -10.31 -3.75 -4.00
C GLU A 406 -11.74 -3.36 -3.70
N VAL A 407 -12.31 -2.41 -4.45
CA VAL A 407 -13.67 -1.98 -4.18
C VAL A 407 -14.66 -3.09 -4.52
N GLU A 408 -14.41 -3.82 -5.61
CA GLU A 408 -15.28 -4.94 -5.95
C GLU A 408 -15.25 -6.01 -4.87
N GLY A 409 -14.05 -6.33 -4.36
CA GLY A 409 -13.96 -7.31 -3.28
C GLY A 409 -14.67 -6.86 -2.03
N GLN A 410 -14.52 -5.58 -1.65
CA GLN A 410 -15.19 -5.07 -0.48
C GLN A 410 -16.70 -5.13 -0.63
N ILE A 411 -17.22 -4.75 -1.80
CA ILE A 411 -18.66 -4.78 -2.03
C ILE A 411 -19.18 -6.21 -1.96
N THR A 412 -18.46 -7.16 -2.58
CA THR A 412 -18.90 -8.55 -2.54
C THR A 412 -18.89 -9.08 -1.11
N SER A 413 -17.85 -8.78 -0.35
CA SER A 413 -17.77 -9.25 1.03
C SER A 413 -18.89 -8.67 1.88
N LEU A 414 -19.20 -7.38 1.70
CA LEU A 414 -20.29 -6.78 2.47
C LEU A 414 -21.65 -7.33 2.05
N VAL A 415 -21.83 -7.64 0.77
CA VAL A 415 -23.11 -8.18 0.31
C VAL A 415 -23.31 -9.60 0.84
N ASP A 416 -22.23 -10.40 0.87
CA ASP A 416 -22.35 -11.79 1.29
C ASP A 416 -22.83 -11.94 2.72
N LEU A 417 -22.64 -10.91 3.56
CA LEU A 417 -23.10 -10.99 4.94
C LEU A 417 -24.63 -10.99 5.04
N TYR A 418 -25.31 -10.26 4.16
CA TYR A 418 -26.77 -10.15 4.16
C TYR A 418 -27.29 -10.45 2.76
N PRO A 419 -27.23 -11.71 2.33
CA PRO A 419 -27.68 -12.04 0.97
C PRO A 419 -29.18 -11.88 0.76
N SER A 420 -29.98 -11.83 1.83
CA SER A 420 -31.42 -11.76 1.66
C SER A 420 -31.90 -10.33 1.45
N PHE A 421 -31.37 -9.38 2.21
CA PHE A 421 -31.81 -7.98 2.13
C PHE A 421 -30.98 -7.13 1.19
N LEU A 422 -30.00 -7.72 0.51
CA LEU A 422 -29.16 -6.99 -0.44
C LEU A 422 -29.19 -7.58 -1.83
N ARG A 423 -30.10 -8.52 -2.10
CA ARG A 423 -30.24 -9.09 -3.43
C ARG A 423 -31.69 -9.02 -3.90
N LYS A 424 -32.63 -9.19 -2.97
CA LYS A 424 -34.06 -9.18 -3.29
C LYS A 424 -34.73 -7.89 -2.82
N GLY A 425 -34.61 -7.56 -1.54
CA GLY A 425 -35.25 -6.35 -1.04
C GLY A 425 -34.64 -5.08 -1.62
N TYR A 426 -33.31 -5.02 -1.70
CA TYR A 426 -32.60 -3.88 -2.24
C TYR A 426 -31.68 -4.35 -3.35
N ARG A 427 -31.59 -3.55 -4.41
CA ARG A 427 -30.72 -3.88 -5.53
C ARG A 427 -29.26 -3.66 -5.17
N ARG A 428 -28.38 -4.30 -5.94
CA ARG A 428 -26.94 -4.15 -5.72
C ARG A 428 -26.42 -2.80 -6.21
N GLU A 429 -27.06 -2.23 -7.23
CA GLU A 429 -26.62 -0.94 -7.76
C GLU A 429 -26.75 0.17 -6.72
N ILE A 430 -27.85 0.15 -5.95
CA ILE A 430 -28.04 1.16 -4.91
C ILE A 430 -26.97 1.01 -3.84
N PHE A 431 -26.63 -0.22 -3.46
CA PHE A 431 -25.58 -0.45 -2.47
C PHE A 431 -24.23 0.04 -2.98
N ILE A 432 -23.92 -0.23 -4.25
CA ILE A 432 -22.64 0.20 -4.83
C ILE A 432 -22.57 1.73 -4.84
N ALA A 433 -23.66 2.38 -5.26
CA ALA A 433 -23.69 3.83 -5.30
C ALA A 433 -23.55 4.42 -3.89
N PHE A 434 -24.21 3.81 -2.91
CA PHE A 434 -24.11 4.30 -1.53
C PHE A 434 -22.68 4.18 -1.02
N VAL A 435 -22.03 3.05 -1.27
CA VAL A 435 -20.65 2.86 -0.82
C VAL A 435 -19.73 3.89 -1.46
N CYS A 436 -19.87 4.07 -2.78
CA CYS A 436 -19.02 5.03 -3.48
C CYS A 436 -19.25 6.45 -2.98
N SER A 437 -20.51 6.84 -2.77
CA SER A 437 -20.80 8.19 -2.31
C SER A 437 -20.26 8.43 -0.91
N ILE A 438 -20.41 7.45 -0.01
CA ILE A 438 -19.89 7.60 1.35
C ILE A 438 -18.37 7.72 1.32
N SER A 439 -17.71 6.89 0.50
CA SER A 439 -16.26 6.95 0.41
C SER A 439 -15.79 8.30 -0.15
N TYR A 440 -16.50 8.82 -1.16
CA TYR A 440 -16.13 10.12 -1.72
C TYR A 440 -16.32 11.24 -0.70
N LEU A 441 -17.43 11.22 0.03
CA LEU A 441 -17.68 12.25 1.04
C LEU A 441 -16.63 12.19 2.14
N LEU A 442 -16.21 10.98 2.53
CA LEU A 442 -15.17 10.86 3.55
C LEU A 442 -13.82 11.34 3.03
N GLY A 443 -13.49 11.01 1.78
CA GLY A 443 -12.23 11.44 1.19
C GLY A 443 -12.18 12.91 0.84
N LEU A 444 -13.32 13.60 0.87
CA LEU A 444 -13.33 15.04 0.67
C LEU A 444 -12.53 15.78 1.75
N THR A 445 -12.24 15.13 2.89
CA THR A 445 -11.49 15.77 3.96
C THR A 445 -10.01 15.95 3.64
N MET A 446 -9.50 15.28 2.61
CA MET A 446 -8.08 15.35 2.27
C MET A 446 -7.79 16.21 1.04
N VAL A 447 -8.80 16.91 0.52
CA VAL A 447 -8.61 17.78 -0.63
C VAL A 447 -8.84 19.24 -0.25
N THR A 448 -8.78 19.56 1.03
CA THR A 448 -8.80 20.94 1.50
C THR A 448 -7.37 21.48 1.47
N GLU A 449 -7.16 22.67 2.04
CA GLU A 449 -5.82 23.24 2.10
C GLU A 449 -4.97 22.62 3.20
N GLY A 450 -5.57 21.88 4.12
CA GLY A 450 -4.80 21.19 5.15
C GLY A 450 -5.00 19.69 5.10
N GLY A 451 -5.31 19.17 3.92
CA GLY A 451 -5.59 17.75 3.75
C GLY A 451 -4.37 16.85 3.68
N MET A 452 -3.18 17.41 3.48
CA MET A 452 -1.98 16.58 3.43
C MET A 452 -1.69 15.96 4.80
N TYR A 453 -1.96 16.70 5.87
CA TYR A 453 -1.78 16.15 7.22
C TYR A 453 -2.73 14.99 7.47
N VAL A 454 -3.99 15.13 7.05
CA VAL A 454 -4.96 14.05 7.18
C VAL A 454 -4.54 12.85 6.34
N PHE A 455 -3.97 13.05 5.18
CA PHE A 455 -3.52 11.93 4.32
C PHE A 455 -2.37 11.19 5.00
N GLN A 456 -1.40 11.89 5.53
CA GLN A 456 -0.24 11.29 6.22
C GLN A 456 -0.63 10.49 7.47
N LEU A 457 -1.70 10.86 8.17
CA LEU A 457 -2.22 10.14 9.37
C LEU A 457 -2.93 8.84 9.00
N PHE A 458 -3.60 8.77 7.87
CA PHE A 458 -4.30 7.56 7.38
C PHE A 458 -3.30 6.60 6.75
N ASP A 459 -2.24 7.07 6.12
CA ASP A 459 -1.18 6.24 5.51
C ASP A 459 -0.20 5.72 6.57
N TYR A 460 -0.35 6.13 7.83
CA TYR A 460 0.53 5.65 8.92
C TYR A 460 -0.24 4.72 9.88
N TYR A 461 -1.57 4.87 10.00
CA TYR A 461 -2.32 4.09 11.01
C TYR A 461 -3.47 3.25 10.42
N ALA A 462 -4.07 3.65 9.30
CA ALA A 462 -5.27 2.94 8.78
C ALA A 462 -4.95 1.58 8.16
N ALA A 463 -4.01 1.50 7.21
CA ALA A 463 -3.76 0.21 6.51
C ALA A 463 -2.27 -0.12 6.54
N SER A 464 -1.64 -0.01 7.71
CA SER A 464 -0.21 -0.31 7.90
C SER A 464 0.10 -0.23 9.38
N GLY A 465 1.27 -0.66 9.78
CA GLY A 465 1.71 -0.55 11.17
C GLY A 465 1.20 -1.65 12.07
N VAL A 466 0.98 -1.32 13.32
CA VAL A 466 0.48 -2.27 14.34
C VAL A 466 -0.80 -3.00 13.90
N CYS A 467 -1.58 -2.47 12.99
CA CYS A 467 -2.87 -3.10 12.63
C CYS A 467 -2.62 -4.23 11.64
N LEU A 468 -1.51 -4.19 10.92
CA LEU A 468 -1.19 -5.18 9.87
C LEU A 468 -0.31 -6.25 10.50
N LEU A 469 0.36 -5.94 11.60
CA LEU A 469 1.17 -6.89 12.37
C LEU A 469 0.22 -7.69 13.27
N TRP A 470 -0.84 -7.10 13.83
CA TRP A 470 -1.82 -7.81 14.65
C TRP A 470 -2.49 -8.92 13.85
N VAL A 471 -2.99 -8.58 12.66
CA VAL A 471 -3.72 -9.56 11.85
C VAL A 471 -2.79 -10.70 11.43
N ALA A 472 -1.59 -10.36 10.97
CA ALA A 472 -0.66 -11.39 10.52
C ALA A 472 -0.23 -12.30 11.67
N PHE A 473 0.05 -11.72 12.84
CA PHE A 473 0.46 -12.52 13.99
C PHE A 473 -0.66 -13.46 14.40
N PHE A 474 -1.91 -12.98 14.44
CA PHE A 474 -2.99 -13.85 14.86
C PHE A 474 -3.24 -14.97 13.85
N GLU A 475 -3.16 -14.67 12.55
CA GLU A 475 -3.30 -15.71 11.54
C GLU A 475 -2.23 -16.79 11.72
N CYS A 476 -0.97 -16.37 11.81
CA CYS A 476 0.12 -17.34 11.94
C CYS A 476 0.02 -18.13 13.22
N PHE A 477 -0.31 -17.47 14.34
CA PHE A 477 -0.43 -18.16 15.61
C PHE A 477 -1.55 -19.20 15.58
N VAL A 478 -2.71 -18.83 15.04
CA VAL A 478 -3.82 -19.77 14.97
C VAL A 478 -3.41 -20.98 14.15
N ILE A 479 -2.88 -20.75 12.94
CA ILE A 479 -2.56 -21.85 12.05
C ILE A 479 -1.49 -22.76 12.66
N ALA A 480 -0.48 -22.16 13.31
CA ALA A 480 0.63 -22.96 13.80
C ALA A 480 0.27 -23.73 15.07
N TRP A 481 -0.48 -23.12 15.99
CA TRP A 481 -0.62 -23.67 17.33
C TRP A 481 -2.03 -24.14 17.66
N ILE A 482 -2.97 -24.12 16.71
CA ILE A 482 -4.29 -24.64 17.02
C ILE A 482 -4.68 -25.71 16.00
N TYR A 483 -4.67 -25.35 14.71
CA TYR A 483 -5.02 -26.31 13.68
C TYR A 483 -3.94 -27.37 13.53
N GLY A 484 -2.69 -26.93 13.43
CA GLY A 484 -1.58 -27.87 13.28
C GLY A 484 -0.77 -27.69 12.03
N GLY A 485 0.51 -27.36 12.19
CA GLY A 485 1.38 -27.24 11.03
C GLY A 485 1.54 -28.54 10.29
N ASP A 486 1.64 -29.66 11.02
CA ASP A 486 1.75 -30.96 10.37
C ASP A 486 0.47 -31.33 9.62
N ASN A 487 -0.70 -31.00 10.18
CA ASN A 487 -1.95 -31.24 9.48
C ASN A 487 -2.04 -30.41 8.20
N LEU A 488 -1.63 -29.13 8.28
CA LEU A 488 -1.62 -28.30 7.08
C LEU A 488 -0.64 -28.84 6.05
N TYR A 489 0.50 -29.37 6.50
CA TYR A 489 1.46 -29.96 5.58
C TYR A 489 0.90 -31.21 4.92
N ASP A 490 0.15 -32.01 5.66
CA ASP A 490 -0.52 -33.17 5.06
C ASP A 490 -1.51 -32.72 3.98
N GLY A 491 -2.28 -31.68 4.28
CA GLY A 491 -3.18 -31.14 3.27
C GLY A 491 -2.44 -30.65 2.04
N ILE A 492 -1.35 -29.92 2.25
CA ILE A 492 -0.58 -29.37 1.13
C ILE A 492 0.01 -30.50 0.28
N GLU A 493 0.50 -31.55 0.93
CA GLU A 493 0.99 -32.71 0.19
C GLU A 493 -0.12 -33.36 -0.62
N ASP A 494 -1.34 -33.40 -0.06
CA ASP A 494 -2.47 -33.95 -0.79
C ASP A 494 -2.78 -33.12 -2.04
N MET A 495 -2.76 -31.80 -1.92
CA MET A 495 -3.16 -30.95 -3.05
C MET A 495 -2.03 -30.78 -4.07
N ILE A 496 -0.91 -30.17 -3.65
CA ILE A 496 0.11 -29.76 -4.62
C ILE A 496 0.94 -30.93 -5.14
N GLY A 497 0.93 -32.08 -4.47
CA GLY A 497 1.55 -33.29 -4.98
C GLY A 497 2.75 -33.76 -4.16
N TYR A 498 3.52 -32.82 -3.60
CA TYR A 498 4.72 -33.18 -2.85
C TYR A 498 4.76 -32.38 -1.55
N ARG A 499 5.48 -32.92 -0.57
CA ARG A 499 5.53 -32.26 0.77
C ARG A 499 6.54 -31.10 0.74
N PRO A 500 6.20 -29.90 1.28
CA PRO A 500 7.15 -28.78 1.34
C PRO A 500 8.26 -29.04 2.37
N GLY A 501 9.26 -28.15 2.42
CA GLY A 501 10.36 -28.28 3.39
C GLY A 501 10.03 -27.62 4.71
N PRO A 502 10.97 -27.49 5.66
CA PRO A 502 10.64 -26.95 7.00
C PRO A 502 10.57 -25.43 7.14
N TRP A 503 10.86 -24.66 6.09
CA TRP A 503 10.91 -23.18 6.20
C TRP A 503 9.55 -22.58 6.58
N MET A 504 8.48 -22.96 5.88
CA MET A 504 7.14 -22.35 6.14
C MET A 504 6.71 -22.62 7.58
N LYS A 505 6.86 -23.85 8.07
CA LYS A 505 6.45 -24.22 9.44
C LYS A 505 7.15 -23.33 10.47
N TYR A 506 8.48 -23.18 10.39
CA TYR A 506 9.24 -22.40 11.40
C TYR A 506 8.88 -20.91 11.32
N SER A 507 8.61 -20.41 10.11
CA SER A 507 8.24 -18.98 9.95
C SER A 507 6.86 -18.73 10.56
N TRP A 508 5.98 -19.73 10.56
CA TRP A 508 4.61 -19.57 11.11
C TRP A 508 4.62 -19.78 12.62
N ALA A 509 5.57 -20.56 13.14
CA ALA A 509 5.57 -20.90 14.58
C ALA A 509 6.54 -20.02 15.37
N VAL A 510 7.63 -19.54 14.77
CA VAL A 510 8.64 -18.79 15.56
C VAL A 510 9.00 -17.44 14.93
N ILE A 511 9.46 -17.42 13.68
CA ILE A 511 9.98 -16.16 13.07
C ILE A 511 8.90 -15.06 13.03
N THR A 512 7.75 -15.32 12.40
CA THR A 512 6.73 -14.24 12.25
C THR A 512 6.24 -13.77 13.62
N PRO A 513 5.79 -14.66 14.55
CA PRO A 513 5.39 -14.23 15.89
C PRO A 513 6.41 -13.35 16.62
N VAL A 514 7.69 -13.75 16.64
CA VAL A 514 8.74 -12.98 17.38
C VAL A 514 8.91 -11.60 16.74
N LEU A 515 9.01 -11.53 15.42
CA LEU A 515 9.20 -10.23 14.71
C LEU A 515 8.03 -9.31 15.03
N CYS A 516 6.80 -9.80 14.91
CA CYS A 516 5.60 -8.95 15.12
C CYS A 516 5.55 -8.45 16.57
N VAL A 517 5.65 -9.35 17.54
CA VAL A 517 5.54 -8.95 18.98
C VAL A 517 6.73 -8.08 19.36
N GLY A 518 7.94 -8.44 18.91
CA GLY A 518 9.15 -7.68 19.28
C GLY A 518 9.12 -6.26 18.77
N CYS A 519 8.72 -6.06 17.52
CA CYS A 519 8.66 -4.70 16.92
C CYS A 519 7.61 -3.87 17.66
N PHE A 520 6.47 -4.47 18.00
CA PHE A 520 5.38 -3.75 18.71
C PHE A 520 5.88 -3.26 20.08
N ILE A 521 6.53 -4.13 20.86
CA ILE A 521 6.98 -3.74 22.23
C ILE A 521 8.12 -2.72 22.13
N PHE A 522 9.04 -2.91 21.19
CA PHE A 522 10.18 -1.98 20.98
C PHE A 522 9.63 -0.56 20.77
N SER A 523 8.59 -0.43 19.94
CA SER A 523 8.01 0.90 19.62
C SER A 523 7.46 1.57 20.88
N LEU A 524 6.84 0.80 21.77
CA LEU A 524 6.24 1.39 23.00
C LEU A 524 7.34 1.75 24.00
N VAL A 525 8.36 0.91 24.13
CA VAL A 525 9.46 1.15 25.12
C VAL A 525 10.20 2.43 24.72
N LYS A 526 10.56 2.57 23.43
CA LYS A 526 11.18 3.82 22.93
C LYS A 526 10.17 4.51 22.03
N TYR A 527 9.24 5.28 22.62
CA TYR A 527 8.13 5.89 21.81
C TYR A 527 8.57 7.23 21.19
N VAL A 528 8.25 7.43 19.91
CA VAL A 528 8.52 8.73 19.24
C VAL A 528 7.27 9.08 18.44
N PRO A 529 6.65 10.27 18.62
CA PRO A 529 5.40 10.61 17.93
C PRO A 529 5.58 10.89 16.43
N LEU A 530 4.50 10.82 15.65
CA LEU A 530 4.57 11.02 14.18
C LEU A 530 4.85 12.49 13.85
N THR A 531 5.63 12.76 12.80
CA THR A 531 5.90 14.15 12.35
C THR A 531 5.67 14.24 10.84
N TYR A 532 5.59 15.46 10.30
CA TYR A 532 5.45 15.62 8.82
C TYR A 532 6.66 16.40 8.28
N ASN A 533 7.35 15.84 7.29
CA ASN A 533 8.52 16.51 6.65
C ASN A 533 9.57 16.85 7.72
N LYS A 534 9.67 16.07 8.79
CA LYS A 534 10.73 16.23 9.82
C LYS A 534 10.56 17.48 10.70
N THR A 535 9.51 18.27 10.51
CA THR A 535 9.43 19.54 11.30
C THR A 535 8.04 19.73 11.94
N TYR A 536 6.99 19.16 11.37
CA TYR A 536 5.63 19.41 11.91
C TYR A 536 5.33 18.45 13.06
N VAL A 537 5.00 18.99 14.24
CA VAL A 537 4.59 18.13 15.39
C VAL A 537 3.06 18.15 15.49
N TYR A 538 2.41 17.00 15.31
CA TYR A 538 0.93 16.94 15.35
C TYR A 538 0.43 17.20 16.77
N PRO A 539 -0.78 17.78 16.96
CA PRO A 539 -1.33 17.95 18.30
C PRO A 539 -1.71 16.59 18.91
N ASN A 540 -2.03 16.53 20.20
CA ASN A 540 -2.31 15.24 20.88
C ASN A 540 -3.59 14.59 20.34
N TRP A 541 -4.64 15.36 20.07
CA TRP A 541 -5.90 14.79 19.61
C TRP A 541 -5.76 14.17 18.22
N ALA A 542 -4.86 14.70 17.39
CA ALA A 542 -4.60 14.07 16.10
C ALA A 542 -3.99 12.68 16.28
N ILE A 543 -3.05 12.53 17.22
CA ILE A 543 -2.48 11.22 17.49
C ILE A 543 -3.53 10.28 18.05
N GLY A 544 -4.41 10.79 18.91
CA GLY A 544 -5.48 9.96 19.44
C GLY A 544 -6.43 9.47 18.35
N LEU A 545 -6.79 10.35 17.42
CA LEU A 545 -7.64 9.94 16.30
C LEU A 545 -6.92 8.92 15.42
N GLY A 546 -5.63 9.12 15.16
CA GLY A 546 -4.88 8.15 14.39
C GLY A 546 -4.84 6.78 15.06
N TRP A 547 -4.64 6.75 16.38
CA TRP A 547 -4.65 5.48 17.09
C TRP A 547 -6.04 4.84 17.10
N SER A 548 -7.08 5.66 17.18
CA SER A 548 -8.44 5.13 17.09
C SER A 548 -8.69 4.48 15.73
N LEU A 549 -8.11 5.06 14.67
CA LEU A 549 -8.26 4.48 13.34
C LEU A 549 -7.73 3.04 13.30
N ALA A 550 -6.59 2.78 13.93
CA ALA A 550 -6.04 1.43 13.97
C ALA A 550 -6.82 0.54 14.94
N LEU A 551 -7.21 1.08 16.09
CA LEU A 551 -7.92 0.27 17.09
C LEU A 551 -9.28 -0.17 16.57
N SER A 552 -9.91 0.61 15.68
CA SER A 552 -11.21 0.23 15.15
C SER A 552 -11.17 -1.13 14.46
N SER A 553 -10.04 -1.49 13.85
CA SER A 553 -9.88 -2.82 13.27
C SER A 553 -9.16 -3.78 14.19
N MET A 554 -8.30 -3.28 15.07
CA MET A 554 -7.61 -4.16 16.01
C MET A 554 -8.56 -4.80 17.02
N LEU A 555 -9.67 -4.13 17.34
CA LEU A 555 -10.58 -4.58 18.37
C LEU A 555 -11.67 -5.52 17.85
N CYS A 556 -11.43 -6.19 16.73
CA CYS A 556 -12.44 -7.06 16.15
C CYS A 556 -12.33 -8.50 16.60
N VAL A 557 -11.15 -8.96 16.98
CA VAL A 557 -10.95 -10.36 17.37
C VAL A 557 -11.47 -10.61 18.78
N PRO A 558 -11.07 -9.85 19.81
CA PRO A 558 -11.61 -10.12 21.16
C PRO A 558 -13.12 -9.96 21.24
N LEU A 559 -13.70 -9.00 20.52
CA LEU A 559 -15.15 -8.81 20.58
C LEU A 559 -15.89 -10.01 20.00
N VAL A 560 -15.42 -10.54 18.87
CA VAL A 560 -16.05 -11.72 18.29
C VAL A 560 -15.84 -12.92 19.19
N ILE A 561 -14.67 -13.02 19.84
CA ILE A 561 -14.44 -14.11 20.78
C ILE A 561 -15.44 -14.05 21.92
N VAL A 562 -15.66 -12.85 22.47
CA VAL A 562 -16.60 -12.69 23.58
C VAL A 562 -18.02 -13.03 23.12
N ILE A 563 -18.41 -12.58 21.93
CA ILE A 563 -19.75 -12.87 21.41
C ILE A 563 -19.95 -14.37 21.25
N ARG A 564 -18.96 -15.05 20.66
CA ARG A 564 -19.06 -16.50 20.47
C ARG A 564 -19.13 -17.23 21.80
N LEU A 565 -18.33 -16.80 22.78
CA LEU A 565 -18.37 -17.43 24.10
C LEU A 565 -19.72 -17.24 24.77
N CYS A 566 -20.30 -16.05 24.65
CA CYS A 566 -21.59 -15.78 25.28
C CYS A 566 -22.77 -16.40 24.53
N GLN A 567 -22.59 -16.76 23.26
CA GLN A 567 -23.67 -17.32 22.46
C GLN A 567 -23.70 -18.85 22.48
N THR A 568 -23.15 -19.46 23.51
CA THR A 568 -23.13 -20.91 23.63
C THR A 568 -23.50 -21.31 25.05
N GLU A 569 -24.01 -22.53 25.20
CA GLU A 569 -24.47 -23.04 26.48
C GLU A 569 -23.54 -24.15 26.97
N GLY A 570 -23.33 -24.18 28.29
CA GLY A 570 -22.49 -25.18 28.90
C GLY A 570 -21.38 -24.58 29.74
N PRO A 571 -20.53 -25.43 30.31
CA PRO A 571 -19.39 -24.93 31.08
C PRO A 571 -18.38 -24.21 30.19
N PHE A 572 -17.57 -23.37 30.83
CA PHE A 572 -16.61 -22.57 30.09
C PHE A 572 -15.61 -23.43 29.33
N LEU A 573 -15.09 -24.47 29.98
CA LEU A 573 -14.15 -25.37 29.31
C LEU A 573 -14.80 -26.10 28.15
N VAL A 574 -16.04 -26.55 28.35
CA VAL A 574 -16.77 -27.23 27.27
C VAL A 574 -17.00 -26.27 26.11
N ARG A 575 -17.37 -25.02 26.41
CA ARG A 575 -17.59 -24.04 25.35
C ARG A 575 -16.31 -23.79 24.56
N VAL A 576 -15.18 -23.62 25.27
CA VAL A 576 -13.92 -23.36 24.59
C VAL A 576 -13.51 -24.55 23.73
N LYS A 577 -13.64 -25.77 24.27
CA LYS A 577 -13.28 -26.96 23.51
C LYS A 577 -14.15 -27.12 22.28
N TYR A 578 -15.36 -26.57 22.27
CA TYR A 578 -16.25 -26.81 21.10
C TYR A 578 -16.00 -25.78 20.00
N LEU A 579 -15.66 -24.54 20.37
CA LEU A 579 -15.47 -23.45 19.38
C LEU A 579 -14.04 -23.48 18.81
N LEU A 580 -13.21 -24.44 19.23
CA LEU A 580 -11.81 -24.52 18.74
C LEU A 580 -11.69 -25.65 17.70
N THR A 581 -12.70 -26.52 17.62
CA THR A 581 -12.62 -27.68 16.69
C THR A 581 -12.93 -27.23 15.27
N PRO A 582 -12.09 -27.54 14.24
CA PRO A 582 -12.42 -27.20 12.85
C PRO A 582 -13.70 -27.93 12.42
N ARG A 583 -14.44 -27.36 11.48
CA ARG A 583 -15.71 -27.97 11.03
C ARG A 583 -15.59 -28.40 9.55
N GLU A 584 -15.06 -29.59 9.30
CA GLU A 584 -14.95 -30.12 7.91
C GLU A 584 -14.31 -29.09 6.98
N PRO A 585 -13.00 -28.77 7.10
CA PRO A 585 -12.37 -27.73 6.28
C PRO A 585 -12.49 -28.01 4.77
N ASN A 586 -12.06 -29.21 4.33
CA ASN A 586 -12.22 -29.57 2.89
C ASN A 586 -13.39 -30.55 2.78
N ARG A 587 -14.50 -30.09 2.18
CA ARG A 587 -15.71 -30.94 2.02
C ARG A 587 -15.70 -31.51 0.59
N TRP A 588 -15.24 -30.72 -0.38
CA TRP A 588 -15.14 -31.23 -1.77
C TRP A 588 -14.19 -32.44 -1.79
N ALA A 589 -14.70 -33.61 -2.16
CA ALA A 589 -13.89 -34.85 -2.14
C ALA A 589 -13.26 -35.02 -0.76
#